data_1UKK
#
_entry.id   1UKK
#
_cell.length_a   37.58
_cell.length_b   40.95
_cell.length_c   48.14
_cell.angle_alpha   76.93
_cell.angle_beta   74.04
_cell.angle_gamma   64.05
#
_symmetry.space_group_name_H-M   'P 1'
#
loop_
_entity.id
_entity.type
_entity.pdbx_description
1 polymer 'Osmotically Inducible Protein C'
2 non-polymer 2-AMINO-2-HYDROXYMETHYL-PROPANE-1,3-DIOL
3 water water
#
_entity_poly.entity_id   1
_entity_poly.type   'polypeptide(L)'
_entity_poly.pdbx_seq_one_letter_code
;(MSE)PVRKAKAVWEGGLRQGKGV(MSE)ELQSQAFQGPYSYPSRFEEGEGTNPEELIAAAHAG(CSD)FS(MSE)ALAA
SLEREGFPPKRVSTEARVHLEVVDGKPTLTRIELLTEAEVPGISSEKFLEIAEAAKEGCPVSRALAGVKEVVLTARLV
;
_entity_poly.pdbx_strand_id   A,B
#
# COMPACT_ATOMS: atom_id res chain seq x y z
N PRO A 2 -10.43 -3.45 -12.62
CA PRO A 2 -9.17 -3.11 -13.32
C PRO A 2 -8.00 -3.81 -12.63
N VAL A 3 -6.88 -3.85 -13.35
CA VAL A 3 -5.66 -4.49 -12.82
C VAL A 3 -4.60 -3.39 -12.79
N ARG A 4 -4.05 -3.12 -11.59
CA ARG A 4 -3.05 -2.07 -11.42
C ARG A 4 -1.68 -2.71 -11.15
N LYS A 5 -0.62 -2.12 -11.66
CA LYS A 5 0.71 -2.78 -11.53
C LYS A 5 1.75 -1.81 -11.04
N ALA A 6 2.76 -2.39 -10.38
CA ALA A 6 3.98 -1.65 -10.02
C ALA A 6 5.07 -2.67 -9.88
N LYS A 7 6.30 -2.18 -9.65
CA LYS A 7 7.42 -3.10 -9.58
C LYS A 7 8.41 -2.72 -8.54
N ALA A 8 9.29 -3.66 -8.20
CA ALA A 8 10.38 -3.36 -7.25
C ALA A 8 11.57 -4.21 -7.62
N VAL A 9 12.74 -3.70 -7.34
CA VAL A 9 13.97 -4.48 -7.51
C VAL A 9 14.79 -4.36 -6.26
C VAL A 9 14.74 -4.38 -6.22
N TRP A 10 15.38 -5.47 -5.81
CA TRP A 10 16.23 -5.50 -4.61
C TRP A 10 17.54 -6.14 -5.04
N GLU A 11 18.68 -5.61 -4.64
CA GLU A 11 19.97 -6.17 -4.97
C GLU A 11 20.74 -6.44 -3.67
N GLY A 12 21.32 -7.59 -3.58
CA GLY A 12 22.04 -8.04 -2.41
C GLY A 12 21.25 -8.66 -1.30
N GLY A 13 21.93 -8.93 -0.19
CA GLY A 13 21.26 -9.46 0.98
C GLY A 13 20.45 -8.45 1.77
N LEU A 14 19.99 -8.87 2.91
CA LEU A 14 19.09 -8.07 3.74
C LEU A 14 19.66 -6.78 4.29
N ARG A 15 20.72 -6.89 5.09
CA ARG A 15 21.23 -5.70 5.76
C ARG A 15 22.10 -4.78 4.97
N GLN A 16 22.78 -5.31 3.94
CA GLN A 16 23.63 -4.56 3.07
C GLN A 16 23.08 -4.28 1.70
N GLY A 17 21.97 -4.91 1.36
CA GLY A 17 21.35 -4.64 0.05
C GLY A 17 20.58 -3.31 -0.02
N LYS A 18 20.05 -3.06 -1.21
CA LYS A 18 19.15 -1.95 -1.40
C LYS A 18 18.21 -2.24 -2.56
N GLY A 19 17.14 -1.51 -2.54
CA GLY A 19 16.12 -1.68 -3.55
C GLY A 19 15.47 -0.38 -4.02
N VAL A 20 14.59 -0.52 -5.03
CA VAL A 20 13.82 0.62 -5.53
C VAL A 20 12.42 0.12 -5.88
N GLU A 22 9.01 1.18 -7.96
CA GLU A 22 8.72 2.01 -9.10
C GLU A 22 7.25 2.02 -9.46
N LEU A 23 6.75 3.20 -9.77
CA LEU A 23 5.51 3.40 -10.47
C LEU A 23 5.97 4.09 -11.77
N GLN A 24 6.25 3.31 -12.79
CA GLN A 24 6.92 3.81 -14.03
C GLN A 24 6.13 4.91 -14.74
N SER A 25 4.82 4.75 -14.80
CA SER A 25 4.00 5.71 -15.52
C SER A 25 3.77 7.04 -14.77
N GLN A 26 4.15 7.08 -13.47
CA GLN A 26 4.20 8.32 -12.68
C GLN A 26 5.63 8.86 -12.56
N ALA A 27 6.60 8.19 -13.17
CA ALA A 27 8.00 8.53 -13.03
C ALA A 27 8.48 8.60 -11.56
N PHE A 28 8.03 7.66 -10.78
CA PHE A 28 8.40 7.53 -9.37
C PHE A 28 9.34 6.35 -9.14
N GLN A 29 10.45 6.69 -8.51
CA GLN A 29 11.40 5.74 -7.96
C GLN A 29 11.57 6.01 -6.48
N GLY A 30 11.27 5.02 -5.68
CA GLY A 30 11.42 5.14 -4.23
C GLY A 30 12.47 4.16 -3.75
N PRO A 31 13.62 4.68 -3.38
CA PRO A 31 14.67 3.81 -2.89
C PRO A 31 14.39 3.41 -1.49
N TYR A 32 14.77 2.19 -1.15
CA TYR A 32 14.56 1.70 0.19
C TYR A 32 15.65 0.70 0.57
N SER A 33 15.86 0.56 1.87
CA SER A 33 16.97 -0.25 2.39
C SER A 33 16.56 -0.80 3.77
N TYR A 34 17.43 -1.58 4.39
CA TYR A 34 17.19 -1.99 5.76
C TYR A 34 17.16 -0.75 6.68
N PRO A 35 18.16 0.15 6.60
CA PRO A 35 18.10 1.38 7.40
C PRO A 35 16.85 2.23 7.15
N SER A 36 16.40 2.40 5.90
CA SER A 36 15.20 3.27 5.64
C SER A 36 13.91 2.55 6.10
N ARG A 37 13.87 1.21 6.16
CA ARG A 37 12.67 0.53 6.56
C ARG A 37 12.54 0.25 8.04
N PHE A 38 13.63 -0.20 8.65
CA PHE A 38 13.62 -0.59 10.04
C PHE A 38 14.24 0.45 10.98
N GLU A 39 15.05 1.35 10.50
CA GLU A 39 15.71 2.38 11.31
C GLU A 39 15.17 3.73 10.82
N GLU A 40 15.99 4.78 10.72
CA GLU A 40 15.54 6.10 10.26
C GLU A 40 16.42 6.62 9.13
N GLY A 41 16.93 5.69 8.31
CA GLY A 41 17.79 6.02 7.21
C GLY A 41 17.02 6.73 6.09
N GLU A 42 17.76 7.45 5.27
CA GLU A 42 17.19 8.11 4.07
C GLU A 42 16.59 7.09 3.08
N GLY A 43 15.44 7.45 2.53
CA GLY A 43 14.68 6.66 1.60
C GLY A 43 13.27 6.45 2.10
N THR A 44 12.53 5.64 1.38
CA THR A 44 11.17 5.40 1.73
C THR A 44 11.08 3.88 2.11
N ASN A 45 9.88 3.30 2.08
CA ASN A 45 9.68 1.91 2.49
C ASN A 45 8.27 1.45 2.11
N PRO A 46 7.98 0.14 2.11
CA PRO A 46 6.62 -0.35 1.82
C PRO A 46 5.54 0.30 2.69
N GLU A 47 5.90 0.57 3.95
CA GLU A 47 4.94 1.07 4.92
C GLU A 47 4.44 2.50 4.59
N GLU A 48 5.32 3.34 4.06
CA GLU A 48 5.02 4.70 3.63
C GLU A 48 4.04 4.65 2.45
N LEU A 49 4.26 3.72 1.52
CA LEU A 49 3.38 3.60 0.38
C LEU A 49 1.99 3.08 0.80
N ILE A 50 1.92 2.15 1.74
CA ILE A 50 0.66 1.67 2.29
C ILE A 50 -0.06 2.85 2.97
N ALA A 51 0.68 3.62 3.75
CA ALA A 51 0.07 4.79 4.40
C ALA A 51 -0.62 5.72 3.35
N ALA A 52 0.08 5.97 2.25
CA ALA A 52 -0.44 6.85 1.17
C ALA A 52 -1.69 6.26 0.53
N ALA A 53 -1.64 4.96 0.26
CA ALA A 53 -2.80 4.18 -0.24
C ALA A 53 -3.99 4.25 0.68
N HIS A 54 -3.77 4.08 1.98
CA HIS A 54 -4.89 4.13 2.86
C HIS A 54 -5.46 5.53 3.02
N ALA A 55 -4.60 6.53 3.14
CA ALA A 55 -4.99 7.93 3.21
C ALA A 55 -5.82 8.28 1.95
N GLY A 56 -5.33 7.84 0.79
CA GLY A 56 -6.01 8.14 -0.47
C GLY A 56 -7.37 7.48 -0.54
N PHE A 58 -9.25 6.49 2.02
CA PHE A 58 -10.20 6.98 3.04
C PHE A 58 -10.71 8.38 2.65
N SER A 59 -9.85 9.20 2.13
CA SER A 59 -10.24 10.61 1.79
C SER A 59 -11.33 10.57 0.74
N ALA A 61 -13.31 7.90 0.04
CA ALA A 61 -14.47 7.15 0.48
C ALA A 61 -15.33 8.08 1.35
N LEU A 62 -14.65 8.85 2.18
CA LEU A 62 -15.34 9.80 3.10
C LEU A 62 -16.08 10.85 2.24
N ALA A 63 -15.40 11.38 1.24
CA ALA A 63 -16.05 12.35 0.32
C ALA A 63 -17.25 11.72 -0.35
N ALA A 64 -17.14 10.49 -0.83
CA ALA A 64 -18.26 9.79 -1.50
C ALA A 64 -19.45 9.65 -0.59
N SER A 65 -19.13 9.32 0.67
N SER A 65 -19.20 9.30 0.66
CA SER A 65 -20.12 9.01 1.70
CA SER A 65 -20.31 9.04 1.57
C SER A 65 -20.86 10.27 2.12
C SER A 65 -20.94 10.35 2.03
N LEU A 66 -20.13 11.37 2.26
CA LEU A 66 -20.66 12.75 2.52
C LEU A 66 -21.54 13.23 1.38
N GLU A 67 -21.10 12.97 0.15
CA GLU A 67 -21.93 13.32 -1.00
C GLU A 67 -23.26 12.57 -1.00
N ARG A 68 -23.26 11.26 -0.68
CA ARG A 68 -24.49 10.42 -0.64
C ARG A 68 -25.48 10.95 0.40
N GLU A 69 -25.00 11.70 1.39
CA GLU A 69 -25.92 12.31 2.37
C GLU A 69 -26.35 13.75 1.98
N GLY A 70 -25.85 14.23 0.85
CA GLY A 70 -26.19 15.52 0.31
C GLY A 70 -25.28 16.64 0.70
N PHE A 71 -24.10 16.23 1.20
CA PHE A 71 -23.09 17.12 1.71
C PHE A 71 -21.71 16.83 1.09
N PRO A 72 -21.55 17.00 -0.21
CA PRO A 72 -20.23 16.83 -0.82
C PRO A 72 -19.25 17.76 -0.19
N PRO A 73 -18.05 17.23 0.08
CA PRO A 73 -17.07 18.10 0.73
C PRO A 73 -16.33 19.07 -0.17
N LYS A 74 -16.02 20.26 0.38
CA LYS A 74 -15.07 21.10 -0.30
C LYS A 74 -13.70 20.46 -0.31
N ARG A 75 -13.31 19.92 0.82
CA ARG A 75 -11.96 19.32 0.97
C ARG A 75 -11.96 18.27 2.13
N VAL A 76 -11.32 17.15 1.83
CA VAL A 76 -11.03 16.13 2.86
C VAL A 76 -9.51 15.88 2.89
N SER A 77 -8.85 16.13 3.99
CA SER A 77 -7.41 15.93 4.19
C SER A 77 -7.18 14.86 5.26
C SER A 77 -7.17 14.86 5.25
N THR A 78 -6.48 13.80 4.89
CA THR A 78 -6.24 12.69 5.78
C THR A 78 -4.73 12.41 5.85
N GLU A 79 -4.26 12.30 7.08
CA GLU A 79 -2.91 11.75 7.36
C GLU A 79 -3.05 10.31 7.85
N ALA A 80 -2.31 9.37 7.26
CA ALA A 80 -2.18 8.02 7.75
C ALA A 80 -0.80 7.75 8.32
N ARG A 81 -0.82 7.07 9.46
CA ARG A 81 0.39 6.68 10.17
C ARG A 81 0.38 5.14 10.36
N VAL A 82 1.37 4.40 9.82
CA VAL A 82 1.46 2.95 9.81
C VAL A 82 2.58 2.58 10.78
N HIS A 83 2.23 1.81 11.80
CA HIS A 83 3.14 1.37 12.85
C HIS A 83 3.73 0.04 12.48
N LEU A 84 5.06 -0.03 12.42
CA LEU A 84 5.78 -1.25 12.11
C LEU A 84 6.57 -1.62 13.37
N GLU A 85 6.29 -2.78 13.92
CA GLU A 85 6.97 -3.26 15.12
C GLU A 85 7.72 -4.54 14.80
N VAL A 86 8.58 -4.96 15.73
CA VAL A 86 9.55 -6.03 15.45
C VAL A 86 9.09 -7.29 16.18
N VAL A 87 7.76 -7.37 16.33
CA VAL A 87 7.08 -8.25 17.25
C VAL A 87 6.15 -9.20 16.47
N ASP A 88 6.13 -10.49 16.81
CA ASP A 88 6.83 -11.03 17.98
C ASP A 88 8.03 -11.91 17.57
N GLY A 89 9.21 -11.31 17.54
CA GLY A 89 10.32 -11.83 16.75
C GLY A 89 10.10 -11.68 15.24
N LYS A 90 9.00 -11.04 14.82
CA LYS A 90 8.81 -10.74 13.39
C LYS A 90 8.18 -9.34 13.20
N PRO A 91 8.67 -8.58 12.21
CA PRO A 91 8.15 -7.21 11.97
C PRO A 91 6.72 -7.25 11.48
N THR A 92 5.87 -6.44 12.08
CA THR A 92 4.44 -6.52 11.79
C THR A 92 3.84 -5.14 11.68
N LEU A 93 2.85 -4.96 10.80
CA LEU A 93 2.07 -3.72 10.74
C LEU A 93 0.98 -3.88 11.77
N THR A 94 1.18 -3.19 12.87
CA THR A 94 0.35 -3.41 14.07
C THR A 94 -0.84 -2.51 14.23
N ARG A 95 -0.70 -1.27 13.76
CA ARG A 95 -1.68 -0.22 14.01
C ARG A 95 -1.61 0.75 12.86
N ILE A 96 -2.77 1.23 12.41
CA ILE A 96 -2.80 2.38 11.50
C ILE A 96 -3.66 3.46 12.15
N GLU A 97 -3.17 4.68 12.15
CA GLU A 97 -3.94 5.83 12.60
C GLU A 97 -4.34 6.65 11.38
N LEU A 98 -5.61 7.07 11.34
CA LEU A 98 -6.10 7.97 10.32
C LEU A 98 -6.56 9.21 11.02
N LEU A 99 -6.04 10.35 10.58
CA LEU A 99 -6.36 11.63 11.16
C LEU A 99 -6.90 12.49 10.03
N THR A 100 -8.19 12.84 10.11
N THR A 100 -8.21 12.82 10.10
CA THR A 100 -8.83 13.57 9.02
CA THR A 100 -8.87 13.54 8.99
C THR A 100 -9.37 14.92 9.47
C THR A 100 -9.47 14.87 9.42
N GLU A 101 -9.29 15.89 8.59
CA GLU A 101 -9.90 17.22 8.77
C GLU A 101 -10.70 17.47 7.48
N ALA A 102 -11.97 17.80 7.63
CA ALA A 102 -12.84 17.96 6.44
C ALA A 102 -13.52 19.31 6.45
N GLU A 103 -13.58 19.97 5.30
CA GLU A 103 -14.33 21.20 5.14
C GLU A 103 -15.59 20.84 4.41
N VAL A 104 -16.68 20.84 5.11
CA VAL A 104 -17.93 20.28 4.55
C VAL A 104 -19.08 21.24 4.81
N PRO A 105 -19.47 22.01 3.77
CA PRO A 105 -20.57 22.94 3.90
C PRO A 105 -21.84 22.27 4.42
N GLY A 106 -22.45 22.93 5.38
CA GLY A 106 -23.78 22.54 5.80
C GLY A 106 -24.01 21.44 6.79
N ILE A 107 -23.12 20.46 6.89
CA ILE A 107 -23.40 19.28 7.71
C ILE A 107 -23.15 19.58 9.23
N SER A 108 -23.91 18.91 10.07
CA SER A 108 -23.62 18.99 11.50
C SER A 108 -22.41 18.19 11.88
N SER A 109 -21.79 18.55 13.00
CA SER A 109 -20.71 17.74 13.49
C SER A 109 -21.14 16.30 13.82
N GLU A 110 -22.30 16.05 14.46
CA GLU A 110 -22.70 14.71 14.76
C GLU A 110 -22.83 13.81 13.51
N LYS A 111 -23.45 14.35 12.48
CA LYS A 111 -23.70 13.61 11.27
C LYS A 111 -22.36 13.30 10.55
N PHE A 112 -21.49 14.28 10.50
CA PHE A 112 -20.13 14.13 9.93
C PHE A 112 -19.40 13.00 10.65
N LEU A 113 -19.37 13.07 11.97
CA LEU A 113 -18.68 12.04 12.74
C LEU A 113 -19.27 10.64 12.56
N GLU A 114 -20.60 10.53 12.46
CA GLU A 114 -21.26 9.27 12.15
C GLU A 114 -20.78 8.68 10.78
N ILE A 115 -20.78 9.54 9.78
CA ILE A 115 -20.37 9.14 8.43
C ILE A 115 -18.90 8.73 8.38
N ALA A 116 -18.04 9.47 9.04
CA ALA A 116 -16.60 9.20 9.00
C ALA A 116 -16.33 7.84 9.67
N GLU A 117 -16.94 7.62 10.82
CA GLU A 117 -16.69 6.36 11.51
C GLU A 117 -17.15 5.17 10.66
N ALA A 118 -18.20 5.35 9.86
CA ALA A 118 -18.70 4.29 8.99
C ALA A 118 -17.86 4.11 7.74
N ALA A 119 -17.23 5.18 7.28
CA ALA A 119 -16.38 5.10 6.09
C ALA A 119 -15.05 4.38 6.40
N LYS A 120 -14.67 4.35 7.67
CA LYS A 120 -13.46 3.67 8.11
C LYS A 120 -13.56 2.16 7.85
N GLU A 121 -14.78 1.62 7.91
CA GLU A 121 -15.10 0.18 7.77
C GLU A 121 -15.75 -0.19 6.42
N GLY A 122 -15.24 0.32 5.30
CA GLY A 122 -16.04 0.31 4.07
C GLY A 122 -15.45 -0.13 2.75
N CYS A 123 -14.22 0.27 2.47
CA CYS A 123 -13.71 0.17 1.09
C CYS A 123 -12.38 -0.57 0.97
N PRO A 124 -11.93 -0.77 -0.28
CA PRO A 124 -10.96 -1.79 -0.65
C PRO A 124 -9.74 -1.89 0.25
N VAL A 125 -9.10 -0.77 0.58
CA VAL A 125 -7.82 -0.81 1.28
C VAL A 125 -8.03 -1.17 2.74
N SER A 126 -8.98 -0.51 3.39
CA SER A 126 -9.22 -0.84 4.80
C SER A 126 -9.49 -2.36 4.94
N ARG A 127 -10.35 -2.88 4.07
CA ARG A 127 -10.74 -4.30 4.16
C ARG A 127 -9.62 -5.29 3.78
N ALA A 128 -8.87 -4.98 2.74
CA ALA A 128 -7.68 -5.73 2.35
C ALA A 128 -6.67 -5.81 3.51
N LEU A 129 -6.52 -4.71 4.22
CA LEU A 129 -5.60 -4.64 5.36
C LEU A 129 -6.19 -5.24 6.63
N ALA A 130 -6.90 -6.37 6.51
CA ALA A 130 -7.55 -7.05 7.64
C ALA A 130 -6.57 -7.56 8.70
N GLY A 131 -5.33 -7.83 8.29
CA GLY A 131 -4.28 -8.31 9.18
C GLY A 131 -3.75 -7.29 10.17
N VAL A 132 -4.05 -6.01 9.96
CA VAL A 132 -3.75 -4.98 10.94
C VAL A 132 -4.75 -5.06 12.12
N LYS A 133 -4.21 -5.21 13.33
CA LYS A 133 -4.97 -5.40 14.57
C LYS A 133 -5.80 -4.20 15.01
N GLU A 134 -5.32 -3.01 14.70
CA GLU A 134 -5.98 -1.80 15.13
C GLU A 134 -5.94 -0.67 14.06
N VAL A 135 -7.12 -0.17 13.69
CA VAL A 135 -7.26 1.08 12.90
C VAL A 135 -8.05 2.11 13.68
N VAL A 136 -7.40 3.22 14.02
CA VAL A 136 -7.91 4.26 14.87
C VAL A 136 -8.14 5.55 14.08
N LEU A 137 -9.38 6.05 14.06
CA LEU A 137 -9.80 7.28 13.39
C LEU A 137 -10.00 8.46 14.35
N THR A 138 -9.43 9.57 13.96
CA THR A 138 -9.77 10.85 14.54
C THR A 138 -10.21 11.73 13.41
N ALA A 139 -11.39 12.35 13.49
CA ALA A 139 -11.97 13.12 12.41
C ALA A 139 -12.56 14.41 12.99
N ARG A 140 -12.39 15.50 12.27
CA ARG A 140 -12.95 16.76 12.70
C ARG A 140 -13.37 17.63 11.47
N LEU A 141 -14.40 18.44 11.66
CA LEU A 141 -14.73 19.48 10.73
C LEU A 141 -13.85 20.71 10.92
N VAL A 142 -13.34 21.27 9.84
CA VAL A 142 -12.58 22.51 9.89
C VAL A 142 -13.18 23.61 9.04
N PRO B 2 9.19 1.58 13.83
CA PRO B 2 8.97 2.96 13.31
C PRO B 2 7.51 3.28 13.05
N VAL B 3 7.22 4.55 12.83
CA VAL B 3 5.89 5.01 12.39
C VAL B 3 6.11 5.72 11.07
N ARG B 4 5.45 5.24 10.01
CA ARG B 4 5.57 5.89 8.71
C ARG B 4 4.33 6.64 8.36
N LYS B 5 4.52 7.78 7.69
CA LYS B 5 3.39 8.70 7.44
C LYS B 5 3.25 9.06 6.00
N ALA B 6 2.01 9.34 5.60
CA ALA B 6 1.72 9.94 4.29
C ALA B 6 0.40 10.66 4.40
N LYS B 7 0.01 11.35 3.34
CA LYS B 7 -1.23 12.10 3.37
C LYS B 7 -1.91 12.10 2.06
N ALA B 8 -3.21 12.36 2.11
CA ALA B 8 -4.01 12.51 0.86
C ALA B 8 -5.06 13.60 1.04
N VAL B 9 -5.28 14.38 0.00
CA VAL B 9 -6.31 15.41 0.00
C VAL B 9 -7.28 15.07 -1.14
N TRP B 10 -8.58 15.10 -0.88
CA TRP B 10 -9.60 14.89 -1.91
C TRP B 10 -10.49 16.12 -1.92
N GLU B 11 -10.80 16.67 -3.08
CA GLU B 11 -11.73 17.81 -3.13
C GLU B 11 -12.97 17.48 -4.00
N GLY B 12 -14.15 17.84 -3.52
CA GLY B 12 -15.38 17.52 -4.20
C GLY B 12 -15.97 16.14 -3.92
N GLY B 13 -17.03 15.83 -4.69
CA GLY B 13 -17.69 14.58 -4.64
C GLY B 13 -16.96 13.45 -5.33
N LEU B 14 -17.59 12.33 -5.48
CA LEU B 14 -16.91 11.12 -5.99
C LEU B 14 -16.58 11.18 -7.48
N ARG B 15 -17.58 11.37 -8.33
CA ARG B 15 -17.34 11.32 -9.78
C ARG B 15 -16.72 12.54 -10.38
N GLN B 16 -16.91 13.73 -9.78
CA GLN B 16 -16.31 14.97 -10.29
C GLN B 16 -15.17 15.52 -9.49
N GLY B 17 -14.88 14.88 -8.36
CA GLY B 17 -13.83 15.35 -7.50
C GLY B 17 -12.46 14.87 -7.99
N LYS B 18 -11.44 15.31 -7.29
CA LYS B 18 -10.10 14.73 -7.51
C LYS B 18 -9.26 14.79 -6.27
N GLY B 19 -8.18 14.02 -6.25
CA GLY B 19 -7.29 14.04 -5.09
C GLY B 19 -5.82 13.93 -5.44
N VAL B 20 -5.01 13.99 -4.40
CA VAL B 20 -3.57 13.88 -4.53
C VAL B 20 -3.10 13.13 -3.26
N GLU B 22 0.38 12.12 -1.18
CA GLU B 22 1.73 12.67 -0.99
C GLU B 22 2.51 11.84 -0.01
N LEU B 23 3.79 11.64 -0.33
CA LEU B 23 4.69 10.95 0.60
C LEU B 23 5.41 11.92 1.59
N GLN B 24 5.68 11.47 2.84
CA GLN B 24 6.48 12.30 3.81
C GLN B 24 7.97 12.40 3.43
N SER B 25 8.54 11.31 2.93
CA SER B 25 10.01 11.17 2.83
C SER B 25 10.59 11.71 1.53
N GLN B 26 9.77 11.81 0.48
CA GLN B 26 10.20 12.41 -0.80
C GLN B 26 9.08 13.19 -1.48
N ALA B 27 9.41 13.87 -2.57
CA ALA B 27 8.48 14.87 -3.15
C ALA B 27 7.49 14.31 -4.18
N PHE B 28 6.76 13.29 -3.81
CA PHE B 28 5.88 12.66 -4.79
C PHE B 28 4.48 13.19 -4.57
N GLN B 29 3.86 13.63 -5.65
CA GLN B 29 2.46 13.94 -5.69
C GLN B 29 1.82 12.98 -6.66
N GLY B 30 0.86 12.20 -6.22
CA GLY B 30 0.19 11.23 -7.07
C GLY B 30 -1.28 11.65 -7.20
N PRO B 31 -1.62 12.17 -8.35
CA PRO B 31 -3.01 12.52 -8.58
C PRO B 31 -3.83 11.32 -8.83
N TYR B 32 -5.09 11.44 -8.41
CA TYR B 32 -6.03 10.34 -8.58
C TYR B 32 -7.47 10.88 -8.62
N SER B 33 -8.33 10.11 -9.24
CA SER B 33 -9.72 10.50 -9.53
C SER B 33 -10.56 9.25 -9.68
N TYR B 34 -11.88 9.43 -9.84
CA TYR B 34 -12.73 8.30 -10.16
C TYR B 34 -12.31 7.57 -11.47
N PRO B 35 -12.07 8.36 -12.57
CA PRO B 35 -11.56 7.72 -13.78
C PRO B 35 -10.23 6.98 -13.62
N SER B 36 -9.29 7.55 -12.90
CA SER B 36 -8.00 6.85 -12.74
C SER B 36 -8.06 5.68 -11.77
N ARG B 37 -9.03 5.64 -10.87
CA ARG B 37 -9.16 4.52 -10.00
C ARG B 37 -10.04 3.38 -10.52
N PHE B 38 -11.18 3.75 -11.12
CA PHE B 38 -12.15 2.76 -11.49
C PHE B 38 -12.22 2.56 -12.98
N GLU B 39 -11.61 3.44 -13.74
CA GLU B 39 -11.64 3.36 -15.22
C GLU B 39 -10.20 3.32 -15.66
N GLU B 40 -9.84 3.99 -16.75
CA GLU B 40 -8.45 4.02 -17.24
C GLU B 40 -8.02 5.44 -17.46
N GLY B 41 -8.61 6.38 -16.72
CA GLY B 41 -8.22 7.74 -16.82
C GLY B 41 -6.86 8.01 -16.26
N GLU B 42 -6.29 9.13 -16.66
CA GLU B 42 -4.92 9.45 -16.25
C GLU B 42 -4.85 9.74 -14.78
N GLY B 43 -3.77 9.23 -14.19
CA GLY B 43 -3.49 9.36 -12.77
C GLY B 43 -3.12 8.05 -12.17
N THR B 44 -2.82 8.07 -10.88
CA THR B 44 -2.50 6.85 -10.18
C THR B 44 -3.68 6.54 -9.24
N ASN B 45 -3.46 5.70 -8.25
CA ASN B 45 -4.60 5.22 -7.43
C ASN B 45 -4.04 4.48 -6.25
N PRO B 46 -4.85 4.28 -5.19
CA PRO B 46 -4.36 3.56 -4.04
C PRO B 46 -3.80 2.16 -4.37
N GLU B 47 -4.41 1.49 -5.34
CA GLU B 47 -4.04 0.13 -5.68
C GLU B 47 -2.61 0.06 -6.29
N GLU B 48 -2.22 1.07 -7.02
CA GLU B 48 -0.86 1.18 -7.57
C GLU B 48 0.17 1.30 -6.45
N LEU B 49 -0.14 2.13 -5.44
CA LEU B 49 0.76 2.28 -4.30
C LEU B 49 0.81 0.96 -3.51
N ILE B 50 -0.29 0.23 -3.30
CA ILE B 50 -0.27 -1.06 -2.65
C ILE B 50 0.59 -2.07 -3.48
N ALA B 51 0.39 -2.09 -4.78
CA ALA B 51 1.24 -2.91 -5.67
C ALA B 51 2.75 -2.68 -5.44
N ALA B 52 3.14 -1.41 -5.41
CA ALA B 52 4.56 -1.04 -5.18
C ALA B 52 5.04 -1.50 -3.85
N ALA B 53 4.23 -1.32 -2.81
CA ALA B 53 4.57 -1.78 -1.46
C ALA B 53 4.75 -3.27 -1.40
N HIS B 54 3.82 -4.00 -2.01
CA HIS B 54 3.93 -5.42 -1.95
C HIS B 54 5.10 -5.97 -2.75
N ALA B 55 5.32 -5.38 -3.92
CA ALA B 55 6.45 -5.77 -4.74
C ALA B 55 7.72 -5.53 -3.90
N GLY B 56 7.77 -4.40 -3.19
CA GLY B 56 9.00 -4.07 -2.47
C GLY B 56 9.23 -4.92 -1.29
N PHE B 58 8.18 -8.05 -1.07
CA PHE B 58 8.45 -9.42 -1.43
C PHE B 58 9.88 -9.52 -1.95
N SER B 59 10.33 -8.54 -2.69
CA SER B 59 11.70 -8.59 -3.25
C SER B 59 12.72 -8.64 -2.15
N ALA B 61 12.10 -9.57 1.06
CA ALA B 61 11.89 -10.74 1.88
C ALA B 61 12.53 -11.97 1.19
N LEU B 62 12.34 -12.08 -0.12
CA LEU B 62 12.94 -13.18 -0.90
C LEU B 62 14.46 -13.10 -0.82
N ALA B 63 15.01 -11.90 -1.00
CA ALA B 63 16.47 -11.71 -0.86
C ALA B 63 16.95 -12.15 0.53
N ALA B 64 16.23 -11.74 1.57
CA ALA B 64 16.58 -12.17 2.94
C ALA B 64 16.60 -13.70 3.13
N SER B 65 15.56 -14.39 2.66
N SER B 65 15.54 -14.34 2.65
CA SER B 65 15.49 -15.83 2.75
CA SER B 65 15.33 -15.79 2.68
C SER B 65 16.61 -16.53 1.97
C SER B 65 16.41 -16.60 1.92
N LEU B 66 16.80 -16.09 0.75
CA LEU B 66 17.92 -16.64 -0.08
C LEU B 66 19.25 -16.47 0.66
N GLU B 67 19.46 -15.31 1.24
CA GLU B 67 20.71 -15.09 1.97
C GLU B 67 20.85 -16.03 3.15
N ARG B 68 19.77 -16.29 3.88
CA ARG B 68 19.76 -17.27 5.01
C ARG B 68 20.11 -18.68 4.61
N GLU B 69 19.93 -19.01 3.34
CA GLU B 69 20.28 -20.31 2.77
C GLU B 69 21.72 -20.30 2.17
N GLY B 70 22.39 -19.17 2.30
CA GLY B 70 23.74 -18.96 1.80
C GLY B 70 23.85 -18.58 0.35
N PHE B 71 22.72 -18.12 -0.19
CA PHE B 71 22.60 -17.66 -1.57
C PHE B 71 22.02 -16.23 -1.69
N PRO B 72 22.71 -15.21 -1.16
CA PRO B 72 22.29 -13.79 -1.37
C PRO B 72 22.18 -13.50 -2.87
N PRO B 73 21.08 -12.88 -3.27
CA PRO B 73 20.88 -12.65 -4.70
C PRO B 73 21.66 -11.49 -5.23
N LYS B 74 22.05 -11.59 -6.52
CA LYS B 74 22.47 -10.46 -7.22
C LYS B 74 21.33 -9.46 -7.45
N ARG B 75 20.18 -9.94 -7.89
CA ARG B 75 19.05 -9.11 -8.23
C ARG B 75 17.76 -9.91 -8.01
N VAL B 76 16.77 -9.29 -7.36
CA VAL B 76 15.38 -9.83 -7.27
C VAL B 76 14.47 -8.73 -7.87
N SER B 77 13.80 -9.04 -8.99
N SER B 77 13.86 -9.03 -9.02
CA SER B 77 12.88 -8.11 -9.61
CA SER B 77 12.88 -8.16 -9.63
C SER B 77 11.45 -8.63 -9.66
C SER B 77 11.46 -8.74 -9.47
N THR B 78 10.54 -7.92 -8.99
CA THR B 78 9.14 -8.39 -8.77
C THR B 78 8.16 -7.39 -9.33
N GLU B 79 7.22 -7.89 -10.11
CA GLU B 79 6.07 -7.12 -10.58
C GLU B 79 4.88 -7.56 -9.75
N ALA B 80 4.11 -6.62 -9.21
CA ALA B 80 2.87 -6.92 -8.55
C ALA B 80 1.69 -6.37 -9.33
N ARG B 81 0.63 -7.17 -9.43
CA ARG B 81 -0.61 -6.81 -10.15
C ARG B 81 -1.76 -6.98 -9.11
N VAL B 82 -2.43 -5.88 -8.77
CA VAL B 82 -3.53 -5.77 -7.85
C VAL B 82 -4.83 -5.66 -8.63
N HIS B 83 -5.72 -6.62 -8.40
CA HIS B 83 -7.00 -6.63 -9.09
C HIS B 83 -8.05 -6.01 -8.20
N LEU B 84 -8.71 -4.98 -8.74
CA LEU B 84 -9.81 -4.30 -8.08
C LEU B 84 -11.07 -4.63 -8.83
N GLU B 85 -12.09 -5.01 -8.09
CA GLU B 85 -13.36 -5.23 -8.73
C GLU B 85 -14.41 -4.55 -7.89
N VAL B 86 -15.36 -3.87 -8.55
CA VAL B 86 -16.59 -3.42 -7.90
C VAL B 86 -17.55 -4.63 -7.81
N VAL B 87 -17.15 -5.62 -7.00
CA VAL B 87 -17.96 -6.78 -6.63
C VAL B 87 -17.65 -7.18 -5.17
N ASP B 88 -18.61 -7.76 -4.44
CA ASP B 88 -19.94 -8.09 -4.96
C ASP B 88 -20.99 -7.08 -4.48
N GLY B 89 -21.21 -6.06 -5.32
CA GLY B 89 -21.72 -4.77 -4.89
C GLY B 89 -20.59 -3.76 -4.59
N LYS B 90 -19.55 -4.20 -3.87
CA LYS B 90 -18.55 -3.29 -3.32
C LYS B 90 -17.15 -3.44 -3.94
N PRO B 91 -16.42 -2.33 -4.04
CA PRO B 91 -15.04 -2.37 -4.53
C PRO B 91 -14.17 -3.16 -3.55
N THR B 92 -13.44 -4.14 -4.08
CA THR B 92 -12.68 -5.11 -3.31
C THR B 92 -11.38 -5.45 -4.01
N LEU B 93 -10.28 -5.52 -3.27
CA LEU B 93 -9.07 -6.12 -3.82
C LEU B 93 -9.20 -7.62 -3.71
N THR B 94 -9.48 -8.23 -4.85
CA THR B 94 -9.74 -9.67 -4.93
C THR B 94 -8.55 -10.56 -5.08
N ARG B 95 -7.48 -10.06 -5.69
CA ARG B 95 -6.39 -10.91 -6.12
C ARG B 95 -5.14 -10.07 -6.29
N ILE B 96 -4.01 -10.58 -5.80
CA ILE B 96 -2.70 -10.00 -6.16
C ILE B 96 -1.82 -11.04 -6.81
N GLU B 97 -1.22 -10.71 -7.94
CA GLU B 97 -0.21 -11.58 -8.55
C GLU B 97 1.18 -11.00 -8.34
N LEU B 98 2.12 -11.86 -7.89
CA LEU B 98 3.53 -11.48 -7.85
C LEU B 98 4.27 -12.29 -8.89
N LEU B 99 5.03 -11.61 -9.73
CA LEU B 99 5.80 -12.22 -10.81
C LEU B 99 7.25 -11.79 -10.58
N THR B 100 8.06 -12.76 -10.20
CA THR B 100 9.45 -12.51 -9.79
C THR B 100 10.47 -13.21 -10.70
N GLU B 101 11.54 -12.51 -10.98
CA GLU B 101 12.71 -13.01 -11.70
C GLU B 101 13.92 -12.68 -10.85
N ALA B 102 14.79 -13.64 -10.57
CA ALA B 102 15.94 -13.40 -9.70
C ALA B 102 17.22 -13.94 -10.35
N GLU B 103 18.32 -13.20 -10.19
CA GLU B 103 19.67 -13.63 -10.52
C GLU B 103 20.32 -14.07 -9.19
N VAL B 104 20.50 -15.35 -9.01
CA VAL B 104 21.06 -15.87 -7.76
C VAL B 104 22.22 -16.81 -8.01
N PRO B 105 23.43 -16.36 -7.72
CA PRO B 105 24.64 -17.16 -7.94
C PRO B 105 24.60 -18.44 -7.15
N GLY B 106 24.83 -19.57 -7.81
CA GLY B 106 25.03 -20.85 -7.16
C GLY B 106 23.83 -21.76 -6.91
N ILE B 107 22.64 -21.18 -6.88
CA ILE B 107 21.48 -21.93 -6.46
C ILE B 107 20.88 -22.72 -7.60
N SER B 108 20.26 -23.82 -7.25
CA SER B 108 19.48 -24.62 -8.21
C SER B 108 18.07 -24.04 -8.32
N SER B 109 17.41 -24.26 -9.44
CA SER B 109 16.06 -23.78 -9.67
C SER B 109 15.06 -24.28 -8.66
N GLU B 110 15.09 -25.58 -8.32
CA GLU B 110 14.10 -26.17 -7.43
C GLU B 110 14.27 -25.57 -6.03
N LYS B 111 15.50 -25.33 -5.62
CA LYS B 111 15.74 -24.77 -4.28
C LYS B 111 15.24 -23.34 -4.27
N PHE B 112 15.59 -22.58 -5.30
CA PHE B 112 15.09 -21.20 -5.42
C PHE B 112 13.56 -21.16 -5.29
N LEU B 113 12.89 -22.06 -6.02
CA LEU B 113 11.45 -22.00 -6.12
C LEU B 113 10.85 -22.35 -4.77
N GLU B 114 11.47 -23.28 -4.03
CA GLU B 114 10.98 -23.67 -2.71
C GLU B 114 11.08 -22.45 -1.82
N ILE B 115 12.24 -21.85 -1.83
CA ILE B 115 12.45 -20.63 -1.00
C ILE B 115 11.47 -19.54 -1.33
N ALA B 116 11.26 -19.23 -2.61
CA ALA B 116 10.34 -18.19 -3.05
C ALA B 116 8.92 -18.44 -2.58
N GLU B 117 8.48 -19.68 -2.64
CA GLU B 117 7.06 -19.97 -2.27
C GLU B 117 6.89 -19.81 -0.77
N ALA B 118 7.90 -20.20 0.00
CA ALA B 118 7.92 -20.01 1.45
C ALA B 118 8.02 -18.56 1.89
N ALA B 119 8.65 -17.72 1.06
CA ALA B 119 8.84 -16.33 1.39
C ALA B 119 7.57 -15.52 1.23
N LYS B 120 6.64 -16.01 0.41
CA LYS B 120 5.51 -15.21 0.00
C LYS B 120 4.49 -15.01 1.12
N GLU B 121 4.42 -15.97 2.04
CA GLU B 121 3.69 -15.78 3.30
C GLU B 121 4.39 -14.81 4.26
N GLY B 122 5.44 -15.29 4.96
CA GLY B 122 5.88 -14.67 6.20
C GLY B 122 6.53 -13.29 6.22
N CYS B 123 5.81 -12.24 5.84
CA CYS B 123 6.32 -10.85 5.96
C CYS B 123 5.24 -9.74 6.05
N PRO B 124 5.63 -8.57 6.54
CA PRO B 124 4.67 -7.61 7.12
C PRO B 124 3.51 -7.16 6.21
N VAL B 125 3.83 -6.73 4.99
CA VAL B 125 2.79 -6.29 4.03
C VAL B 125 1.88 -7.45 3.61
N SER B 126 2.45 -8.59 3.24
CA SER B 126 1.69 -9.77 2.83
C SER B 126 0.75 -10.25 3.95
N ARG B 127 1.19 -10.13 5.21
CA ARG B 127 0.39 -10.58 6.37
C ARG B 127 -0.64 -9.54 6.74
N ALA B 128 -0.29 -8.27 6.51
CA ALA B 128 -1.19 -7.18 6.72
C ALA B 128 -2.32 -7.24 5.71
N LEU B 129 -2.02 -7.75 4.51
CA LEU B 129 -3.04 -7.86 3.45
C LEU B 129 -3.75 -9.23 3.48
N ALA B 130 -3.99 -9.75 4.68
CA ALA B 130 -4.75 -11.00 4.87
C ALA B 130 -6.15 -10.86 4.33
N GLY B 131 -6.68 -9.65 4.33
CA GLY B 131 -7.93 -9.37 3.66
C GLY B 131 -8.07 -9.77 2.20
N VAL B 132 -6.96 -10.03 1.50
CA VAL B 132 -7.05 -10.31 0.06
C VAL B 132 -7.20 -11.80 -0.18
N LYS B 133 -8.30 -12.18 -0.86
CA LYS B 133 -8.67 -13.61 -1.08
C LYS B 133 -7.53 -14.48 -1.61
N GLU B 134 -6.91 -14.11 -2.73
CA GLU B 134 -5.70 -14.87 -3.13
C GLU B 134 -4.48 -14.06 -3.56
N VAL B 135 -3.32 -14.57 -3.18
CA VAL B 135 -2.02 -14.05 -3.63
C VAL B 135 -1.30 -15.19 -4.32
N VAL B 136 -0.99 -14.98 -5.58
CA VAL B 136 -0.41 -16.01 -6.43
C VAL B 136 1.01 -15.59 -6.91
N LEU B 137 1.99 -16.44 -6.64
CA LEU B 137 3.38 -16.22 -7.07
C LEU B 137 3.78 -17.03 -8.30
N THR B 138 4.42 -16.33 -9.23
CA THR B 138 5.14 -16.96 -10.32
C THR B 138 6.60 -16.49 -10.26
N ALA B 139 7.56 -17.41 -10.17
CA ALA B 139 8.95 -17.04 -9.92
C ALA B 139 9.85 -17.81 -10.85
N ARG B 140 10.93 -17.20 -11.23
CA ARG B 140 11.92 -17.88 -12.02
C ARG B 140 13.33 -17.31 -11.82
N LEU B 141 14.25 -18.25 -11.91
CA LEU B 141 15.65 -17.98 -11.82
C LEU B 141 16.15 -17.59 -13.24
N VAL B 142 16.80 -16.43 -13.38
CA VAL B 142 17.31 -15.92 -14.68
C VAL B 142 18.82 -15.83 -14.68
#